data_8FRR
#
_entry.id   8FRR
#
_cell.length_a   49.468
_cell.length_b   50.527
_cell.length_c   50.873
_cell.angle_alpha   90.00
_cell.angle_beta   96.25
_cell.angle_gamma   90.00
#
_symmetry.space_group_name_H-M   'P 1 21 1'
#
loop_
_entity.id
_entity.type
_entity.pdbx_description
1 polymer 'Myocilin, C-terminal fragment'
2 non-polymer GLYCEROL
3 non-polymer 'CALCIUM ION'
4 non-polymer 'SODIUM ION'
5 water water
#
_entity_poly.entity_id   1
_entity_poly.type   'polypeptide(L)'
_entity_poly.pdbx_seq_one_letter_code
;GCGELVWVGEPLTLRTAETITGKYGVWMRDPKPTYPYTQETTWRIDTVGTDVRQVFEYDLISQFMQGYPSKVHILPRPLE
STGAVVYSGSLYFQGAESRTVIRYELNTETVKAEKEIPGAGYHGQFPYSWGGYTDIDLAVDEAGLWVIYSTDEAKGAIVL
SKLNPENLELEQTWETNIRKQSVANAFIICGTLYTVSSYTSADATVNFAYDTGTGISKTLTIPFKNRYKYSSMIDYNPLE
KKLFAWDNLNMVTYDIKLS
;
_entity_poly.pdbx_strand_id   A
#
loop_
_chem_comp.id
_chem_comp.type
_chem_comp.name
_chem_comp.formula
CA non-polymer 'CALCIUM ION' 'Ca 2'
GOL non-polymer GLYCEROL 'C3 H8 O3'
NA non-polymer 'SODIUM ION' 'Na 1'
#
# COMPACT_ATOMS: atom_id res chain seq x y z
N GLY A 1 10.42 -6.83 -19.35
CA GLY A 1 10.68 -5.86 -18.29
C GLY A 1 9.43 -5.06 -17.92
N CYS A 2 9.43 -3.77 -18.26
CA CYS A 2 8.34 -2.85 -17.94
C CYS A 2 7.43 -2.71 -19.14
N GLY A 3 6.21 -2.23 -18.90
CA GLY A 3 5.23 -2.02 -19.94
C GLY A 3 3.94 -1.58 -19.27
N GLU A 4 2.89 -1.46 -20.07
CA GLU A 4 1.57 -1.07 -19.58
C GLU A 4 0.82 -2.31 -19.05
N LEU A 5 0.04 -2.11 -18.01
CA LEU A 5 -0.76 -3.18 -17.47
C LEU A 5 -1.81 -3.54 -18.49
N VAL A 6 -1.94 -4.83 -18.81
CA VAL A 6 -2.96 -5.29 -19.76
C VAL A 6 -3.89 -6.36 -19.21
N TRP A 7 -3.56 -6.99 -18.09
CA TRP A 7 -4.37 -8.11 -17.58
C TRP A 7 -4.04 -8.30 -16.11
N VAL A 8 -5.08 -8.64 -15.35
CA VAL A 8 -4.97 -9.03 -13.93
C VAL A 8 -5.59 -10.41 -13.81
N GLY A 9 -4.90 -11.31 -13.10
CA GLY A 9 -5.39 -12.65 -12.90
C GLY A 9 -6.38 -12.76 -11.77
N GLU A 10 -6.82 -13.98 -11.54
CA GLU A 10 -7.74 -14.29 -10.44
C GLU A 10 -7.05 -14.09 -9.09
N PRO A 11 -7.74 -13.66 -8.05
CA PRO A 11 -7.11 -13.54 -6.72
C PRO A 11 -6.84 -14.91 -6.15
N LEU A 12 -5.66 -15.09 -5.55
CA LEU A 12 -5.29 -16.28 -4.82
C LEU A 12 -5.19 -15.95 -3.36
N THR A 13 -5.85 -16.70 -2.49
CA THR A 13 -5.84 -16.46 -1.05
C THR A 13 -4.70 -17.18 -0.37
N LEU A 14 -3.77 -16.48 0.26
CA LEU A 14 -2.64 -17.03 0.96
C LEU A 14 -2.82 -17.24 2.42
N ARG A 15 -3.64 -16.40 3.06
CA ARG A 15 -3.92 -16.50 4.50
C ARG A 15 -5.22 -15.80 4.75
N THR A 16 -5.94 -16.23 5.76
CA THR A 16 -7.17 -15.58 6.17
C THR A 16 -7.09 -15.27 7.66
N ALA A 17 -7.32 -14.01 8.02
CA ALA A 17 -7.37 -13.61 9.43
C ALA A 17 -8.52 -14.29 10.13
N GLU A 18 -8.29 -14.62 11.41
CA GLU A 18 -9.29 -15.33 12.17
C GLU A 18 -10.08 -14.48 13.14
N THR A 19 -9.84 -13.16 13.19
CA THR A 19 -10.56 -12.27 14.09
C THR A 19 -10.87 -11.00 13.34
N ILE A 20 -11.83 -10.24 13.89
CA ILE A 20 -12.23 -8.98 13.27
C ILE A 20 -11.12 -7.96 13.24
N THR A 21 -10.09 -8.09 14.09
N THR A 21 -10.10 -8.10 14.09
CA THR A 21 -8.99 -7.14 14.02
CA THR A 21 -8.97 -7.18 14.04
C THR A 21 -8.35 -7.14 12.62
C THR A 21 -8.32 -7.18 12.65
N GLY A 22 -8.45 -8.27 11.90
CA GLY A 22 -7.91 -8.40 10.56
C GLY A 22 -8.94 -8.26 9.48
N LYS A 23 -10.07 -7.62 9.71
CA LYS A 23 -11.00 -7.42 8.61
C LYS A 23 -10.35 -6.65 7.50
N TYR A 24 -9.57 -5.63 7.86
N TYR A 24 -9.60 -5.61 7.88
CA TYR A 24 -8.76 -4.85 6.92
CA TYR A 24 -8.72 -4.78 7.06
C TYR A 24 -7.36 -4.79 7.48
C TYR A 24 -7.30 -4.98 7.52
N GLY A 25 -6.38 -4.71 6.59
CA GLY A 25 -4.98 -4.76 6.97
C GLY A 25 -4.08 -4.50 5.76
N VAL A 26 -2.79 -4.63 6.00
CA VAL A 26 -1.79 -4.59 4.95
C VAL A 26 -0.83 -5.75 5.16
N TRP A 27 -0.42 -6.41 4.08
CA TRP A 27 0.63 -7.41 4.14
C TRP A 27 1.54 -7.10 2.98
N MET A 28 2.82 -7.46 3.09
CA MET A 28 3.82 -7.02 2.15
C MET A 28 5.11 -7.79 2.25
N ARG A 29 5.86 -7.75 1.15
CA ARG A 29 7.25 -8.21 1.12
C ARG A 29 8.11 -7.07 0.64
N ASP A 30 9.41 -7.15 0.81
CA ASP A 30 10.33 -6.07 0.47
C ASP A 30 10.82 -6.32 -0.94
N PRO A 31 10.61 -5.40 -1.89
CA PRO A 31 11.15 -5.62 -3.22
C PRO A 31 12.63 -5.35 -3.34
N LYS A 32 13.28 -4.84 -2.31
CA LYS A 32 14.72 -4.66 -2.22
C LYS A 32 15.20 -5.22 -0.87
N PRO A 33 15.14 -6.53 -0.66
N PRO A 33 15.14 -6.54 -0.67
CA PRO A 33 15.43 -7.07 0.67
CA PRO A 33 15.46 -7.10 0.65
C PRO A 33 16.87 -6.82 1.09
C PRO A 33 16.87 -6.79 1.09
N THR A 34 17.04 -6.55 2.37
N THR A 34 17.03 -6.57 2.38
CA THR A 34 18.36 -6.33 2.93
CA THR A 34 18.34 -6.33 2.96
C THR A 34 18.52 -7.11 4.23
C THR A 34 18.51 -7.14 4.23
N TYR A 35 19.76 -7.46 4.53
CA TYR A 35 20.08 -8.31 5.67
C TYR A 35 19.39 -7.77 6.92
N PRO A 36 18.80 -8.64 7.73
CA PRO A 36 18.80 -10.10 7.66
C PRO A 36 17.64 -10.71 6.93
N TYR A 37 16.90 -9.94 6.20
CA TYR A 37 15.67 -10.38 5.55
C TYR A 37 16.01 -10.91 4.15
N THR A 38 15.03 -11.53 3.52
CA THR A 38 15.19 -12.12 2.18
C THR A 38 13.93 -11.83 1.39
N GLN A 39 13.87 -12.27 0.13
CA GLN A 39 12.65 -12.05 -0.64
C GLN A 39 11.48 -12.90 -0.13
N GLU A 40 11.70 -13.84 0.80
CA GLU A 40 10.57 -14.55 1.36
C GLU A 40 9.99 -13.87 2.58
N THR A 41 10.72 -12.97 3.23
CA THR A 41 10.24 -12.36 4.46
C THR A 41 8.93 -11.65 4.17
N THR A 42 7.95 -11.86 5.04
CA THR A 42 6.63 -11.24 4.89
C THR A 42 6.26 -10.55 6.17
N TRP A 43 5.60 -9.39 6.02
CA TRP A 43 5.07 -8.61 7.14
C TRP A 43 3.56 -8.52 6.98
N ARG A 44 2.87 -8.49 8.11
CA ARG A 44 1.40 -8.43 8.16
C ARG A 44 1.00 -7.52 9.31
N ILE A 45 0.10 -6.60 9.02
CA ILE A 45 -0.47 -5.70 10.02
C ILE A 45 -1.98 -5.77 9.91
N ASP A 46 -2.62 -6.17 10.98
CA ASP A 46 -4.07 -6.16 11.08
C ASP A 46 -4.48 -4.78 11.54
N THR A 47 -5.29 -4.05 10.78
CA THR A 47 -5.36 -2.62 11.04
C THR A 47 -6.69 -2.12 11.54
N VAL A 48 -7.62 -2.95 11.96
CA VAL A 48 -8.82 -2.47 12.63
C VAL A 48 -8.51 -1.96 14.02
N GLY A 49 -9.10 -0.81 14.39
CA GLY A 49 -9.03 -0.29 15.74
C GLY A 49 -8.26 1.01 15.78
N THR A 50 -7.98 1.48 16.99
CA THR A 50 -7.42 2.81 17.17
C THR A 50 -6.06 2.84 17.80
N ASP A 51 -5.50 1.68 18.05
CA ASP A 51 -4.14 1.67 18.63
C ASP A 51 -3.28 0.63 17.95
N VAL A 52 -3.23 0.67 16.62
CA VAL A 52 -2.55 -0.35 15.84
C VAL A 52 -1.05 -0.15 15.96
N ARG A 53 -0.39 -1.13 16.57
N ARG A 53 -0.39 -1.13 16.58
CA ARG A 53 1.07 -1.08 16.73
CA ARG A 53 1.07 -1.09 16.77
C ARG A 53 1.78 -2.38 16.40
C ARG A 53 1.78 -2.39 16.48
N GLN A 54 1.10 -3.52 16.36
CA GLN A 54 1.77 -4.80 16.18
C GLN A 54 1.99 -5.10 14.70
N VAL A 55 3.25 -5.37 14.35
CA VAL A 55 3.66 -5.78 13.01
C VAL A 55 4.18 -7.19 13.09
N PHE A 56 3.48 -8.11 12.46
CA PHE A 56 3.91 -9.53 12.46
C PHE A 56 4.93 -9.74 11.36
N GLU A 57 6.02 -10.38 11.68
CA GLU A 57 7.07 -10.69 10.71
C GLU A 57 7.24 -12.20 10.64
N TYR A 58 7.40 -12.68 9.42
CA TYR A 58 7.56 -14.09 9.10
C TYR A 58 8.82 -14.24 8.26
N ASP A 59 9.75 -15.10 8.68
CA ASP A 59 10.95 -15.33 7.89
C ASP A 59 10.67 -16.06 6.59
N LEU A 60 9.72 -16.96 6.57
CA LEU A 60 9.46 -17.82 5.43
C LEU A 60 8.01 -17.70 4.99
N ILE A 61 7.76 -17.86 3.69
CA ILE A 61 6.41 -17.85 3.19
C ILE A 61 5.57 -18.90 3.84
N SER A 62 6.14 -20.08 4.07
CA SER A 62 5.38 -21.12 4.73
C SER A 62 4.87 -20.71 6.11
N GLN A 63 5.67 -19.96 6.86
CA GLN A 63 5.26 -19.46 8.17
C GLN A 63 4.13 -18.46 8.04
N PHE A 64 4.25 -17.55 7.05
CA PHE A 64 3.20 -16.60 6.81
C PHE A 64 1.90 -17.30 6.50
N MET A 65 1.95 -18.38 5.73
CA MET A 65 0.77 -19.05 5.31
C MET A 65 0.16 -19.95 6.40
N GLN A 66 0.95 -20.51 7.28
CA GLN A 66 0.46 -21.55 8.20
C GLN A 66 0.84 -21.40 9.62
N GLY A 67 1.76 -20.53 9.96
CA GLY A 67 2.24 -20.50 11.31
C GLY A 67 2.07 -19.20 12.05
N TYR A 68 2.68 -19.19 13.21
CA TYR A 68 2.79 -17.99 14.00
C TYR A 68 3.90 -17.11 13.44
N PRO A 69 3.90 -15.85 13.82
CA PRO A 69 5.03 -15.02 13.43
C PRO A 69 6.35 -15.51 13.99
N SER A 70 7.40 -15.12 13.27
N SER A 70 7.43 -15.15 13.31
CA SER A 70 8.76 -15.33 13.78
CA SER A 70 8.76 -15.37 13.87
C SER A 70 9.10 -14.26 14.82
C SER A 70 9.21 -14.21 14.75
N LYS A 71 8.58 -13.05 14.62
CA LYS A 71 8.83 -11.90 15.48
C LYS A 71 7.64 -10.99 15.41
N VAL A 72 7.38 -10.27 16.48
CA VAL A 72 6.39 -9.19 16.44
C VAL A 72 7.07 -7.89 16.82
N HIS A 73 6.99 -6.89 15.98
CA HIS A 73 7.46 -5.56 16.32
C HIS A 73 6.34 -4.74 16.90
N ILE A 74 6.62 -3.92 17.92
CA ILE A 74 5.66 -2.98 18.47
C ILE A 74 6.07 -1.59 18.05
N LEU A 75 5.33 -1.00 17.15
CA LEU A 75 5.69 0.33 16.67
C LEU A 75 5.64 1.36 17.79
N PRO A 76 6.49 2.37 17.75
N PRO A 76 6.50 2.38 17.77
CA PRO A 76 6.53 3.39 18.83
CA PRO A 76 6.52 3.36 18.86
C PRO A 76 5.39 4.37 18.82
C PRO A 76 5.37 4.34 18.86
N ARG A 77 4.57 4.35 17.77
N ARG A 77 4.55 4.37 17.80
N ARG A 77 4.61 4.32 18.02
CA ARG A 77 3.48 5.26 17.57
CA ARG A 77 3.46 5.29 17.61
CA ARG A 77 3.54 5.23 17.62
C ARG A 77 2.43 4.47 16.83
C ARG A 77 2.43 4.53 16.81
C ARG A 77 2.44 4.46 16.91
N PRO A 78 1.14 4.68 17.08
N PRO A 78 1.14 4.64 17.14
CA PRO A 78 0.11 3.95 16.32
CA PRO A 78 0.12 3.92 16.35
C PRO A 78 0.09 4.33 14.85
C PRO A 78 0.11 4.31 14.87
N LEU A 79 -0.28 3.34 14.04
CA LEU A 79 -0.32 3.47 12.61
C LEU A 79 -1.74 3.78 12.11
N GLU A 80 -1.82 4.48 10.97
CA GLU A 80 -3.10 4.80 10.36
C GLU A 80 -3.35 3.97 9.12
N SER A 81 -4.46 3.29 9.04
CA SER A 81 -5.00 2.73 7.82
C SER A 81 -4.07 1.69 7.17
N THR A 82 -4.28 1.43 5.89
CA THR A 82 -3.73 0.28 5.19
C THR A 82 -2.65 0.65 4.18
N GLY A 83 -2.18 1.89 4.10
CA GLY A 83 -1.31 2.36 3.05
C GLY A 83 0.15 2.02 3.15
N ALA A 84 0.64 1.42 4.21
CA ALA A 84 2.09 1.27 4.45
C ALA A 84 2.74 0.31 3.44
N VAL A 85 4.05 0.45 3.35
CA VAL A 85 4.91 -0.42 2.51
C VAL A 85 6.16 -0.76 3.28
N VAL A 86 6.83 -1.83 2.85
CA VAL A 86 8.21 -2.09 3.23
C VAL A 86 9.12 -1.87 2.04
N TYR A 87 10.25 -1.20 2.25
CA TYR A 87 11.23 -0.93 1.19
C TYR A 87 12.64 -0.83 1.74
N SER A 88 13.50 -1.67 1.25
N SER A 88 13.52 -1.69 1.24
CA SER A 88 14.91 -1.67 1.56
CA SER A 88 14.93 -1.63 1.57
C SER A 88 15.14 -1.63 3.07
C SER A 88 15.18 -1.65 3.09
N GLY A 89 14.47 -2.52 3.78
CA GLY A 89 14.70 -2.72 5.19
C GLY A 89 13.87 -1.90 6.15
N SER A 90 13.02 -1.01 5.68
CA SER A 90 12.24 -0.15 6.55
C SER A 90 10.76 -0.29 6.22
N LEU A 91 9.96 -0.20 7.27
CA LEU A 91 8.53 0.02 7.12
C LEU A 91 8.27 1.51 7.02
N TYR A 92 7.53 1.93 6.02
CA TYR A 92 7.10 3.31 5.85
C TYR A 92 5.62 3.31 6.13
N PHE A 93 5.20 4.10 7.12
CA PHE A 93 3.81 4.06 7.58
C PHE A 93 3.40 5.47 7.99
N GLN A 94 2.09 5.68 8.04
CA GLN A 94 1.55 6.98 8.42
C GLN A 94 1.23 6.92 9.89
N GLY A 95 1.60 7.99 10.62
CA GLY A 95 1.21 8.10 12.00
C GLY A 95 -0.29 8.37 12.14
N ALA A 96 -0.91 7.74 13.11
CA ALA A 96 -2.32 7.92 13.35
C ALA A 96 -2.62 9.41 13.52
N GLU A 97 -3.75 9.87 12.94
CA GLU A 97 -4.26 11.22 13.18
C GLU A 97 -3.21 12.25 12.76
N SER A 98 -2.54 11.97 11.65
CA SER A 98 -1.48 12.87 11.19
C SER A 98 -1.34 12.75 9.70
N ARG A 99 -0.59 13.68 9.08
CA ARG A 99 -0.09 13.52 7.72
C ARG A 99 1.40 13.21 7.70
N THR A 100 1.89 12.54 8.75
CA THR A 100 3.31 12.26 8.90
C THR A 100 3.58 10.83 8.44
N VAL A 101 4.54 10.68 7.54
CA VAL A 101 5.11 9.39 7.21
C VAL A 101 6.37 9.19 8.02
N ILE A 102 6.52 7.96 8.50
CA ILE A 102 7.59 7.54 9.41
C ILE A 102 8.34 6.39 8.71
N ARG A 103 9.64 6.48 8.70
CA ARG A 103 10.52 5.38 8.27
C ARG A 103 11.00 4.67 9.52
N TYR A 104 10.61 3.39 9.69
CA TYR A 104 10.96 2.58 10.84
C TYR A 104 11.87 1.44 10.31
N GLU A 105 13.10 1.44 10.74
CA GLU A 105 14.08 0.45 10.31
C GLU A 105 13.84 -0.83 11.10
N LEU A 106 13.48 -1.89 10.40
CA LEU A 106 12.94 -3.09 11.02
C LEU A 106 14.00 -3.87 11.83
N ASN A 107 15.23 -3.93 11.36
N ASN A 107 15.23 -3.94 11.35
CA ASN A 107 16.22 -4.76 12.04
CA ASN A 107 16.23 -4.76 12.02
C ASN A 107 16.66 -4.12 13.34
C ASN A 107 16.87 -4.10 13.23
N THR A 108 16.67 -2.80 13.44
CA THR A 108 17.09 -2.11 14.66
C THR A 108 15.91 -1.53 15.42
N GLU A 109 14.68 -1.63 14.88
CA GLU A 109 13.50 -1.06 15.53
C GLU A 109 13.69 0.39 15.87
N THR A 110 14.18 1.17 14.91
N THR A 110 14.23 1.16 14.92
CA THR A 110 14.55 2.55 15.08
CA THR A 110 14.52 2.56 15.14
C THR A 110 13.84 3.42 14.06
C THR A 110 13.85 3.41 14.07
N VAL A 111 13.25 4.51 14.51
CA VAL A 111 12.71 5.52 13.61
C VAL A 111 13.89 6.30 13.03
N LYS A 112 14.02 6.27 11.69
CA LYS A 112 15.13 6.92 11.00
C LYS A 112 14.76 8.21 10.31
N ALA A 113 13.49 8.42 10.05
CA ALA A 113 13.05 9.68 9.44
C ALA A 113 11.57 9.82 9.64
N GLU A 114 11.11 11.07 9.64
CA GLU A 114 9.69 11.42 9.63
C GLU A 114 9.49 12.67 8.78
N LYS A 115 8.39 12.72 8.06
CA LYS A 115 8.13 13.85 7.16
C LYS A 115 6.64 14.05 7.05
N GLU A 116 6.21 15.30 7.22
CA GLU A 116 4.85 15.68 6.86
C GLU A 116 4.77 15.69 5.33
N ILE A 117 3.76 15.08 4.78
CA ILE A 117 3.54 15.18 3.32
C ILE A 117 2.86 16.52 3.07
N PRO A 118 3.57 17.49 2.47
N PRO A 118 3.56 17.48 2.47
CA PRO A 118 3.07 18.87 2.48
CA PRO A 118 3.06 18.86 2.50
C PRO A 118 1.69 19.00 1.85
C PRO A 118 1.69 18.99 1.86
N GLY A 119 0.77 19.62 2.60
CA GLY A 119 -0.57 19.85 2.11
C GLY A 119 -1.46 18.63 2.03
N ALA A 120 -0.97 17.46 2.41
CA ALA A 120 -1.79 16.28 2.21
C ALA A 120 -3.01 16.33 3.14
N GLY A 121 -4.17 15.95 2.62
CA GLY A 121 -5.29 15.68 3.49
C GLY A 121 -5.04 14.42 4.31
N TYR A 122 -5.70 14.34 5.46
CA TYR A 122 -5.55 13.16 6.31
C TYR A 122 -6.82 12.94 7.11
N HIS A 123 -6.93 11.74 7.63
CA HIS A 123 -7.95 11.37 8.58
C HIS A 123 -9.35 11.62 8.05
N GLY A 124 -9.60 11.18 6.81
CA GLY A 124 -10.94 11.23 6.25
C GLY A 124 -11.25 12.38 5.37
N GLN A 125 -10.27 13.14 4.92
N GLN A 125 -10.25 13.11 4.90
CA GLN A 125 -10.48 14.20 3.93
CA GLN A 125 -10.45 14.20 3.95
C GLN A 125 -10.49 13.67 2.51
C GLN A 125 -10.46 13.69 2.51
N PHE A 126 -9.45 12.90 2.12
CA PHE A 126 -9.32 12.36 0.76
C PHE A 126 -9.08 10.85 0.80
N PRO A 127 -9.91 10.10 1.53
CA PRO A 127 -9.78 8.63 1.49
C PRO A 127 -10.16 8.10 0.11
N TYR A 128 -9.79 6.84 -0.13
CA TYR A 128 -10.45 6.09 -1.21
C TYR A 128 -11.92 5.87 -0.88
N SER A 129 -12.66 5.30 -1.83
CA SER A 129 -14.11 5.27 -1.75
C SER A 129 -14.64 4.47 -0.58
N TRP A 130 -13.91 3.52 0.00
CA TRP A 130 -14.45 2.77 1.13
C TRP A 130 -14.30 3.50 2.47
N GLY A 131 -13.50 4.57 2.50
CA GLY A 131 -13.21 5.31 3.73
C GLY A 131 -11.95 4.81 4.41
N GLY A 132 -12.08 4.37 5.66
CA GLY A 132 -10.97 3.78 6.37
C GLY A 132 -9.76 4.70 6.62
N TYR A 133 -9.94 6.00 6.51
CA TYR A 133 -8.85 6.96 6.69
C TYR A 133 -7.73 6.65 5.75
N THR A 134 -8.05 6.25 4.52
CA THR A 134 -7.05 5.82 3.52
C THR A 134 -6.48 6.97 2.70
N ASP A 135 -6.48 8.17 3.25
CA ASP A 135 -5.99 9.40 2.60
C ASP A 135 -4.59 9.32 2.01
N ILE A 136 -3.69 8.55 2.61
CA ILE A 136 -2.26 8.57 2.23
C ILE A 136 -1.83 7.13 1.98
N ASP A 137 -1.38 6.83 0.76
CA ASP A 137 -1.09 5.45 0.33
C ASP A 137 0.35 5.45 -0.21
N LEU A 138 1.23 4.70 0.47
CA LEU A 138 2.59 4.58 0.01
C LEU A 138 2.65 3.50 -1.07
N ALA A 139 3.64 3.62 -1.96
CA ALA A 139 3.79 2.67 -3.05
C ALA A 139 5.25 2.46 -3.39
N VAL A 140 5.60 1.24 -3.75
N VAL A 140 5.60 1.24 -3.78
CA VAL A 140 6.91 0.91 -4.34
CA VAL A 140 6.91 0.93 -4.33
C VAL A 140 6.70 0.43 -5.78
C VAL A 140 6.74 0.40 -5.75
N ASP A 141 7.52 0.93 -6.69
CA ASP A 141 7.58 0.40 -8.05
C ASP A 141 9.03 0.18 -8.43
N GLU A 142 9.25 -0.08 -9.72
CA GLU A 142 10.56 -0.33 -10.24
C GLU A 142 11.55 0.77 -9.99
N ALA A 143 11.11 2.00 -9.81
CA ALA A 143 11.97 3.14 -9.57
C ALA A 143 12.16 3.51 -8.11
N GLY A 144 11.42 2.90 -7.18
CA GLY A 144 11.55 3.19 -5.76
C GLY A 144 10.22 3.58 -5.13
N LEU A 145 10.32 4.49 -4.19
CA LEU A 145 9.27 4.80 -3.24
C LEU A 145 8.48 6.02 -3.70
N TRP A 146 7.17 5.94 -3.53
CA TRP A 146 6.24 7.00 -3.86
C TRP A 146 5.17 7.12 -2.77
N VAL A 147 4.46 8.25 -2.82
CA VAL A 147 3.27 8.45 -2.00
C VAL A 147 2.15 9.03 -2.84
N ILE A 148 0.94 8.51 -2.58
CA ILE A 148 -0.30 8.82 -3.26
C ILE A 148 -1.26 9.47 -2.24
N TYR A 149 -1.79 10.64 -2.58
CA TYR A 149 -2.50 11.45 -1.60
C TYR A 149 -3.35 12.45 -2.37
N SER A 150 -3.91 13.43 -1.66
CA SER A 150 -4.46 14.60 -2.33
C SER A 150 -4.28 15.80 -1.45
N THR A 151 -4.69 16.97 -1.97
CA THR A 151 -4.54 18.24 -1.28
C THR A 151 -5.74 19.12 -1.68
N ASP A 152 -5.98 20.15 -0.88
CA ASP A 152 -7.04 21.12 -1.19
C ASP A 152 -6.76 21.78 -2.54
N GLU A 153 -5.49 22.10 -2.82
CA GLU A 153 -5.16 22.74 -4.10
C GLU A 153 -5.49 21.82 -5.28
N ALA A 154 -5.36 20.51 -5.11
CA ALA A 154 -5.72 19.56 -6.17
C ALA A 154 -7.20 19.19 -6.14
N LYS A 155 -7.94 19.81 -5.24
CA LYS A 155 -9.41 19.59 -5.11
C LYS A 155 -9.75 18.11 -5.05
N GLY A 156 -8.96 17.34 -4.29
CA GLY A 156 -9.23 15.94 -4.09
C GLY A 156 -8.79 15.04 -5.20
N ALA A 157 -8.21 15.54 -6.28
CA ALA A 157 -7.65 14.68 -7.31
C ALA A 157 -6.38 14.02 -6.79
N ILE A 158 -6.15 12.78 -7.24
CA ILE A 158 -4.94 12.06 -6.84
C ILE A 158 -3.72 12.85 -7.24
N VAL A 159 -2.82 13.00 -6.27
CA VAL A 159 -1.48 13.55 -6.40
C VAL A 159 -0.50 12.43 -6.07
N LEU A 160 0.60 12.33 -6.83
CA LEU A 160 1.60 11.35 -6.51
C LEU A 160 2.94 12.02 -6.48
N SER A 161 3.75 11.63 -5.51
CA SER A 161 5.09 12.19 -5.39
C SER A 161 6.12 11.07 -5.22
N LYS A 162 7.27 11.21 -5.89
CA LYS A 162 8.40 10.35 -5.62
C LYS A 162 9.08 10.77 -4.35
N LEU A 163 9.44 9.81 -3.51
CA LEU A 163 10.05 10.09 -2.20
C LEU A 163 11.48 9.57 -2.12
N ASN A 164 12.37 10.37 -1.56
CA ASN A 164 13.67 9.91 -1.16
C ASN A 164 13.49 8.91 -0.01
N PRO A 165 13.91 7.66 -0.16
CA PRO A 165 13.63 6.66 0.90
C PRO A 165 14.46 6.86 2.14
N GLU A 166 15.56 7.60 2.02
CA GLU A 166 16.43 7.79 3.18
C GLU A 166 15.88 8.82 4.14
N ASN A 167 15.47 9.99 3.63
CA ASN A 167 15.05 11.13 4.44
C ASN A 167 13.63 11.63 4.18
N LEU A 168 12.89 10.99 3.29
CA LEU A 168 11.49 11.25 3.00
C LEU A 168 11.23 12.61 2.35
N GLU A 169 12.25 13.22 1.76
CA GLU A 169 12.03 14.42 0.97
C GLU A 169 11.28 14.11 -0.32
N LEU A 170 10.39 15.01 -0.72
CA LEU A 170 9.67 14.84 -1.97
C LEU A 170 10.56 15.28 -3.13
N GLU A 171 10.73 14.42 -4.13
CA GLU A 171 11.62 14.64 -5.26
C GLU A 171 10.93 15.23 -6.46
N GLN A 172 9.72 14.79 -6.75
CA GLN A 172 8.93 15.27 -7.87
C GLN A 172 7.50 14.90 -7.60
N THR A 173 6.56 15.75 -8.08
CA THR A 173 5.14 15.59 -7.84
C THR A 173 4.38 15.75 -9.16
N TRP A 174 3.33 14.98 -9.29
CA TRP A 174 2.43 14.99 -10.43
C TRP A 174 1.00 15.07 -9.91
N GLU A 175 0.15 15.79 -10.59
CA GLU A 175 -1.27 15.89 -10.27
C GLU A 175 -2.10 15.28 -11.38
N THR A 176 -2.95 14.35 -11.02
CA THR A 176 -3.87 13.70 -11.94
C THR A 176 -5.17 14.47 -11.98
N ASN A 177 -6.12 14.01 -12.81
CA ASN A 177 -7.49 14.47 -12.79
C ASN A 177 -8.45 13.43 -12.21
N ILE A 178 -7.97 12.44 -11.48
CA ILE A 178 -8.81 11.38 -10.94
C ILE A 178 -9.20 11.73 -9.52
N ARG A 179 -10.49 11.81 -9.22
N ARG A 179 -10.50 11.79 -9.23
CA ARG A 179 -10.91 12.13 -7.84
CA ARG A 179 -11.02 11.99 -7.87
C ARG A 179 -10.59 10.93 -6.96
C ARG A 179 -10.55 10.84 -6.96
N LYS A 180 -9.74 11.11 -5.95
CA LYS A 180 -9.28 9.99 -5.11
C LYS A 180 -10.42 9.26 -4.44
N GLN A 181 -11.41 10.00 -3.93
N GLN A 181 -11.40 9.99 -3.93
CA GLN A 181 -12.57 9.43 -3.25
CA GLN A 181 -12.51 9.36 -3.24
C GLN A 181 -13.48 8.65 -4.16
C GLN A 181 -13.49 8.66 -4.16
N SER A 182 -13.29 8.74 -5.47
CA SER A 182 -14.11 8.03 -6.46
C SER A 182 -13.57 6.67 -6.82
N VAL A 183 -12.38 6.33 -6.38
CA VAL A 183 -11.78 5.03 -6.70
C VAL A 183 -11.54 4.23 -5.44
N ALA A 184 -11.47 2.89 -5.57
CA ALA A 184 -11.33 2.00 -4.43
C ALA A 184 -9.92 1.96 -3.86
N ASN A 185 -8.91 2.01 -4.71
CA ASN A 185 -7.51 2.03 -4.31
C ASN A 185 -6.72 2.35 -5.58
N ALA A 186 -5.40 2.41 -5.40
CA ALA A 186 -4.50 2.73 -6.50
C ALA A 186 -3.14 2.09 -6.23
N PHE A 187 -2.32 2.00 -7.29
CA PHE A 187 -0.98 1.47 -7.18
C PHE A 187 -0.22 1.96 -8.41
N ILE A 188 1.10 1.85 -8.39
CA ILE A 188 1.98 2.33 -9.47
C ILE A 188 2.79 1.18 -10.05
N ILE A 189 2.79 1.06 -11.37
CA ILE A 189 3.59 0.05 -12.07
C ILE A 189 4.41 0.79 -13.10
N CYS A 190 5.71 0.68 -13.04
CA CYS A 190 6.55 1.27 -14.06
C CYS A 190 6.26 2.75 -14.29
N GLY A 191 5.97 3.49 -13.24
CA GLY A 191 5.77 4.92 -13.28
C GLY A 191 4.38 5.35 -13.72
N THR A 192 3.45 4.40 -13.91
CA THR A 192 2.08 4.66 -14.24
C THR A 192 1.23 4.35 -13.03
N LEU A 193 0.39 5.30 -12.65
N LEU A 193 0.40 5.31 -12.65
CA LEU A 193 -0.61 5.12 -11.61
CA LEU A 193 -0.62 5.12 -11.62
C LEU A 193 -1.84 4.47 -12.20
C LEU A 193 -1.82 4.43 -12.24
N TYR A 194 -2.35 3.42 -11.56
CA TYR A 194 -3.56 2.73 -11.93
C TYR A 194 -4.52 2.79 -10.77
N THR A 195 -5.82 2.85 -11.06
CA THR A 195 -6.87 2.83 -10.05
C THR A 195 -7.81 1.66 -10.28
N VAL A 196 -8.48 1.24 -9.21
CA VAL A 196 -9.48 0.19 -9.21
C VAL A 196 -10.84 0.82 -8.94
N SER A 197 -11.86 0.40 -9.65
CA SER A 197 -13.14 1.05 -9.68
C SER A 197 -14.00 0.81 -8.47
N SER A 198 -13.90 -0.32 -7.82
CA SER A 198 -14.85 -0.76 -6.82
C SER A 198 -14.11 -1.67 -5.85
N TYR A 199 -14.44 -1.62 -4.59
CA TYR A 199 -13.90 -2.50 -3.55
C TYR A 199 -14.81 -3.65 -3.22
N THR A 200 -16.03 -3.67 -3.75
CA THR A 200 -17.00 -4.73 -3.44
C THR A 200 -17.29 -5.68 -4.59
N SER A 201 -17.16 -5.26 -5.82
CA SER A 201 -17.70 -6.02 -6.94
C SER A 201 -16.78 -7.17 -7.33
N ALA A 202 -17.40 -8.31 -7.69
CA ALA A 202 -16.65 -9.35 -8.41
C ALA A 202 -16.27 -8.96 -9.82
N ASP A 203 -16.89 -7.93 -10.34
CA ASP A 203 -16.74 -7.48 -11.71
C ASP A 203 -16.25 -6.05 -11.73
N ALA A 204 -15.32 -5.71 -10.87
CA ALA A 204 -14.68 -4.38 -10.89
C ALA A 204 -13.73 -4.29 -12.08
N THR A 205 -13.11 -3.15 -12.25
CA THR A 205 -12.09 -2.97 -13.28
C THR A 205 -10.93 -2.12 -12.76
N VAL A 206 -9.76 -2.28 -13.36
CA VAL A 206 -8.72 -1.27 -13.34
C VAL A 206 -9.17 -0.25 -14.37
N ASN A 207 -9.52 0.94 -13.92
CA ASN A 207 -10.34 1.85 -14.71
C ASN A 207 -9.68 3.12 -15.21
N PHE A 208 -8.59 3.56 -14.61
CA PHE A 208 -7.86 4.75 -15.04
C PHE A 208 -6.37 4.47 -14.90
N ALA A 209 -5.60 5.15 -15.74
CA ALA A 209 -4.13 5.12 -15.77
C ALA A 209 -3.67 6.59 -15.90
N TYR A 210 -2.58 6.96 -15.21
CA TYR A 210 -1.89 8.23 -15.43
C TYR A 210 -0.41 7.94 -15.55
N ASP A 211 0.19 8.25 -16.68
CA ASP A 211 1.60 7.93 -16.91
C ASP A 211 2.44 9.11 -16.53
N THR A 212 3.24 8.99 -15.48
CA THR A 212 4.06 10.11 -15.08
C THR A 212 5.16 10.46 -16.08
N GLY A 213 5.55 9.53 -16.95
CA GLY A 213 6.57 9.83 -17.95
C GLY A 213 6.06 10.69 -19.07
N THR A 214 4.80 10.56 -19.43
CA THR A 214 4.23 11.28 -20.55
C THR A 214 3.20 12.33 -20.19
N GLY A 215 2.66 12.28 -18.97
CA GLY A 215 1.56 13.11 -18.50
C GLY A 215 0.23 12.73 -19.05
N ILE A 216 0.08 11.60 -19.69
CA ILE A 216 -1.16 11.24 -20.39
C ILE A 216 -2.02 10.42 -19.42
N SER A 217 -3.28 10.74 -19.35
CA SER A 217 -4.34 9.97 -18.67
C SER A 217 -5.15 9.13 -19.63
N LYS A 218 -5.51 7.92 -19.25
CA LYS A 218 -6.35 7.04 -20.04
C LYS A 218 -7.39 6.34 -19.20
N THR A 219 -8.44 5.90 -19.84
N THR A 219 -8.40 5.83 -19.88
CA THR A 219 -9.40 4.97 -19.25
CA THR A 219 -9.41 4.98 -19.29
C THR A 219 -9.02 3.56 -19.66
C THR A 219 -9.12 3.54 -19.71
N LEU A 220 -9.39 2.60 -18.80
CA LEU A 220 -9.14 1.19 -18.98
C LEU A 220 -10.37 0.43 -18.59
N THR A 221 -10.42 -0.88 -18.98
CA THR A 221 -11.53 -1.74 -18.64
C THR A 221 -11.01 -3.10 -18.23
N ILE A 222 -9.85 -3.17 -17.60
CA ILE A 222 -9.25 -4.48 -17.27
C ILE A 222 -9.99 -5.14 -16.11
N PRO A 223 -10.56 -6.35 -16.22
CA PRO A 223 -11.31 -6.93 -15.09
C PRO A 223 -10.43 -7.09 -13.86
N PHE A 224 -11.09 -6.88 -12.71
CA PHE A 224 -10.49 -6.97 -11.38
C PHE A 224 -11.55 -7.56 -10.47
N LYS A 225 -11.27 -8.69 -9.81
CA LYS A 225 -12.24 -9.36 -8.92
C LYS A 225 -11.94 -9.15 -7.47
N ASN A 226 -12.92 -8.59 -6.74
CA ASN A 226 -12.87 -8.57 -5.27
C ASN A 226 -13.60 -9.84 -4.81
N ARG A 227 -12.85 -10.92 -4.62
N ARG A 227 -12.85 -10.91 -4.60
CA ARG A 227 -13.47 -12.20 -4.28
CA ARG A 227 -13.50 -12.17 -4.29
C ARG A 227 -14.34 -12.17 -3.02
C ARG A 227 -14.36 -12.13 -3.03
N TYR A 228 -13.94 -11.40 -1.99
CA TYR A 228 -14.60 -11.41 -0.69
C TYR A 228 -15.34 -10.11 -0.43
N LYS A 229 -15.46 -9.26 -1.44
CA LYS A 229 -16.38 -8.13 -1.48
C LYS A 229 -15.99 -6.98 -0.57
N TYR A 230 -14.77 -6.88 -0.08
CA TYR A 230 -14.38 -5.68 0.69
C TYR A 230 -12.87 -5.46 0.68
N SER A 231 -12.33 -4.99 -0.40
N SER A 231 -12.32 -5.00 -0.43
CA SER A 231 -10.88 -4.80 -0.54
CA SER A 231 -10.88 -4.81 -0.54
C SER A 231 -10.43 -3.49 0.08
C SER A 231 -10.47 -3.48 0.09
N SER A 232 -9.64 -3.54 1.11
CA SER A 232 -9.15 -2.40 1.86
C SER A 232 -7.76 -1.91 1.46
N MET A 233 -7.03 -2.72 0.69
CA MET A 233 -5.61 -2.51 0.44
C MET A 233 -5.31 -3.15 -0.89
N ILE A 234 -4.77 -2.40 -1.82
CA ILE A 234 -4.31 -2.99 -3.09
C ILE A 234 -3.01 -2.29 -3.48
N ASP A 235 -1.91 -3.01 -3.51
CA ASP A 235 -0.57 -2.52 -3.80
C ASP A 235 0.10 -3.43 -4.81
N TYR A 236 1.15 -2.90 -5.42
CA TYR A 236 1.99 -3.63 -6.37
C TYR A 236 3.36 -3.91 -5.80
N ASN A 237 3.89 -5.09 -6.05
CA ASN A 237 5.25 -5.47 -5.67
C ASN A 237 6.06 -5.61 -6.96
N PRO A 238 7.05 -4.78 -7.19
CA PRO A 238 7.75 -4.83 -8.48
C PRO A 238 8.79 -5.93 -8.58
N LEU A 239 9.19 -6.53 -7.48
CA LEU A 239 10.09 -7.67 -7.58
C LEU A 239 9.30 -8.90 -8.04
N GLU A 240 8.21 -9.20 -7.37
CA GLU A 240 7.33 -10.33 -7.75
C GLU A 240 6.51 -10.03 -8.98
N LYS A 241 6.30 -8.77 -9.34
CA LYS A 241 5.40 -8.36 -10.42
C LYS A 241 4.01 -8.95 -10.20
N LYS A 242 3.48 -8.66 -9.03
CA LYS A 242 2.15 -9.08 -8.61
C LYS A 242 1.50 -7.98 -7.82
N LEU A 243 0.18 -8.04 -7.75
CA LEU A 243 -0.56 -7.22 -6.80
C LEU A 243 -0.75 -7.99 -5.53
N PHE A 244 -0.65 -7.31 -4.41
CA PHE A 244 -0.91 -7.79 -3.04
C PHE A 244 -2.11 -7.02 -2.53
N ALA A 245 -3.09 -7.69 -1.98
CA ALA A 245 -4.31 -7.04 -1.54
C ALA A 245 -4.82 -7.68 -0.27
N TRP A 246 -5.72 -6.95 0.39
CA TRP A 246 -6.38 -7.36 1.62
C TRP A 246 -7.86 -7.24 1.34
N ASP A 247 -8.62 -8.34 1.36
CA ASP A 247 -10.02 -8.36 0.96
C ASP A 247 -10.81 -9.12 2.03
N ASN A 248 -11.46 -8.37 2.90
CA ASN A 248 -12.39 -8.89 3.88
C ASN A 248 -11.88 -10.12 4.61
N LEU A 249 -10.82 -9.92 5.37
CA LEU A 249 -10.09 -10.90 6.18
C LEU A 249 -9.01 -11.61 5.39
N ASN A 250 -9.00 -11.60 4.09
CA ASN A 250 -8.15 -12.46 3.28
C ASN A 250 -6.98 -11.70 2.70
N MET A 251 -5.81 -12.26 2.85
CA MET A 251 -4.58 -11.74 2.23
C MET A 251 -4.46 -12.47 0.88
N VAL A 252 -4.56 -11.73 -0.20
CA VAL A 252 -4.62 -12.25 -1.56
C VAL A 252 -3.57 -11.66 -2.44
N THR A 253 -3.24 -12.40 -3.50
N THR A 253 -3.25 -12.41 -3.50
CA THR A 253 -2.33 -11.93 -4.52
CA THR A 253 -2.32 -11.94 -4.51
C THR A 253 -2.97 -12.14 -5.89
C THR A 253 -2.92 -12.16 -5.89
N TYR A 254 -2.57 -11.28 -6.82
CA TYR A 254 -3.00 -11.39 -8.21
C TYR A 254 -1.79 -11.36 -9.14
N ASP A 255 -1.76 -12.24 -10.11
CA ASP A 255 -0.78 -12.12 -11.17
C ASP A 255 -1.16 -11.01 -12.11
N ILE A 256 -0.23 -10.47 -12.85
CA ILE A 256 -0.53 -9.44 -13.87
C ILE A 256 0.28 -9.71 -15.11
N LYS A 257 -0.04 -9.03 -16.18
CA LYS A 257 0.76 -9.06 -17.39
C LYS A 257 0.93 -7.62 -17.88
N LEU A 258 2.16 -7.28 -18.29
CA LEU A 258 2.51 -6.00 -18.88
C LEU A 258 2.80 -6.17 -20.36
N SER A 259 2.50 -5.16 -21.16
CA SER A 259 2.86 -5.15 -22.58
C SER A 259 4.36 -5.00 -22.57
C1 GOL B . -12.48 11.22 -13.65
O1 GOL B . -11.16 11.68 -13.86
C2 GOL B . -12.57 10.45 -12.32
O2 GOL B . -12.32 11.23 -11.27
C3 GOL B . -13.99 9.88 -12.35
O3 GOL B . -14.11 9.05 -11.15
H11 GOL B . -13.12 11.95 -13.63
H12 GOL B . -12.76 10.63 -14.37
HO1 GOL B . -11.03 12.25 -13.22
H2 GOL B . -11.90 9.75 -12.26
HO2 GOL B . -12.50 12.01 -11.46
H31 GOL B . -14.62 10.60 -12.39
H32 GOL B . -14.12 9.38 -13.17
HO3 GOL B . -13.58 9.40 -10.58
CA CA C . -2.45 1.08 -2.84
NA NA D . 0.33 1.29 -0.03
#